data_4MLE
#
_entry.id   4MLE
#
_cell.length_a   79.320
_cell.length_b   79.320
_cell.length_c   320.210
_cell.angle_alpha   90.00
_cell.angle_beta   90.000
_cell.angle_gamma   120.00
#
_symmetry.space_group_name_H-M   'P 65 2 2'
#
loop_
_entity.id
_entity.type
_entity.pdbx_description
1 polymer Glucokinase
2 non-polymer alpha-D-glucopyranose
3 non-polymer 3-(benzyloxy)-N-(4-methyl-1,3-thiazol-2-yl)pyridin-2-amine
#
_entity_poly.entity_id   1
_entity_poly.type   'polypeptide(L)'
_entity_poly.pdbx_seq_one_letter_code
;MALTLVEQILAEFQLQEEDLKKVMRRMQKEMDRGLRLETHEEASVKMLPTYVRSTPEGSEVGDFLSLDLGGTNFRVMLVK
VGEGEEGQWSVKTKHQMYSIPEDAMTGTAEMLFDYISECISDFLDKHQMKHKKLPLGFTFSFPVRHEDIDKGILLNWTKG
FKASGAEGNNVVGLLRDAIKRRGDFEMDVVAMVNDTVATMISCYYEDHQCEVGMIVGTGCNACYMEEMQNVELVEGDEGR
MCVNTEWGAFGDSGELDEFLLEYDRLVDESSANPGQQLYEKLIGGKYMGELVRLVLLRLVDENLLFHGEASEQLRTRGAF
ETRFVSQVESDTGDRKQIYNILSTLGLRPSTTDCDIVRRACESVSTRAAHMCSAGLAGVINRMRESRSEDVMRITVGVDG
SVYKLHPSFKERFHASVRRLTPSCEITFIESEEGSGRGAALVSAVACKKACMLGQ
;
_entity_poly.pdbx_strand_id   A
#
# COMPACT_ATOMS: atom_id res chain seq x y z
N THR A 4 -16.61 -5.39 31.59
CA THR A 4 -16.19 -6.64 30.91
C THR A 4 -17.16 -6.97 29.79
N LEU A 5 -18.39 -6.47 29.92
CA LEU A 5 -19.42 -6.68 28.90
C LEU A 5 -18.98 -6.05 27.58
N VAL A 6 -18.15 -5.02 27.66
CA VAL A 6 -17.64 -4.36 26.47
C VAL A 6 -16.33 -5.04 26.15
N GLU A 7 -15.59 -5.38 27.18
CA GLU A 7 -14.30 -6.04 27.02
C GLU A 7 -14.46 -7.44 26.42
N GLN A 8 -15.68 -7.97 26.48
CA GLN A 8 -15.97 -9.29 25.93
C GLN A 8 -16.10 -9.17 24.41
N ILE A 9 -16.78 -8.12 23.98
CA ILE A 9 -16.96 -7.86 22.56
C ILE A 9 -15.60 -7.51 21.94
N LEU A 10 -14.92 -6.51 22.52
CA LEU A 10 -13.62 -6.10 22.03
C LEU A 10 -12.51 -7.17 22.15
N ALA A 11 -12.64 -8.10 23.09
CA ALA A 11 -11.61 -9.13 23.23
C ALA A 11 -11.56 -10.00 21.98
N GLU A 12 -12.62 -9.92 21.19
CA GLU A 12 -12.76 -10.66 19.96
C GLU A 12 -11.69 -10.29 18.89
N PHE A 13 -11.07 -9.11 19.04
CA PHE A 13 -10.05 -8.68 18.09
C PHE A 13 -8.66 -9.17 18.46
N GLN A 14 -8.52 -9.70 19.67
CA GLN A 14 -7.22 -10.16 20.11
C GLN A 14 -6.74 -11.37 19.34
N LEU A 15 -5.44 -11.42 19.13
CA LEU A 15 -4.80 -12.52 18.43
C LEU A 15 -3.61 -12.90 19.28
N GLN A 16 -3.51 -14.18 19.61
CA GLN A 16 -2.41 -14.68 20.41
C GLN A 16 -1.18 -14.92 19.53
N GLU A 17 -0.01 -14.91 20.14
CA GLU A 17 1.22 -15.15 19.41
C GLU A 17 1.08 -16.36 18.48
N GLU A 18 0.45 -17.41 18.99
CA GLU A 18 0.29 -18.61 18.19
C GLU A 18 -0.56 -18.37 16.96
N ASP A 19 -1.56 -17.49 17.07
CA ASP A 19 -2.42 -17.15 15.93
C ASP A 19 -1.64 -16.39 14.87
N LEU A 20 -0.74 -15.50 15.31
CA LEU A 20 0.07 -14.74 14.39
C LEU A 20 1.06 -15.64 13.65
N LYS A 21 1.64 -16.60 14.36
CA LYS A 21 2.60 -17.52 13.74
C LYS A 21 1.91 -18.35 12.68
N LYS A 22 0.69 -18.77 12.96
CA LYS A 22 -0.05 -19.56 12.01
C LYS A 22 -0.24 -18.72 10.76
N VAL A 23 -0.58 -17.45 10.97
CA VAL A 23 -0.79 -16.52 9.88
C VAL A 23 0.51 -16.32 9.11
N MET A 24 1.61 -16.17 9.84
CA MET A 24 2.91 -16.00 9.21
C MET A 24 3.26 -17.23 8.37
N ARG A 25 3.07 -18.40 8.96
CA ARG A 25 3.37 -19.62 8.24
C ARG A 25 2.51 -19.78 7.00
N ARG A 26 1.26 -19.32 7.08
CA ARG A 26 0.35 -19.44 5.96
C ARG A 26 0.68 -18.48 4.81
N MET A 27 1.09 -17.27 5.15
CA MET A 27 1.48 -16.28 4.15
C MET A 27 2.68 -16.84 3.39
N GLN A 28 3.56 -17.52 4.10
CA GLN A 28 4.74 -18.10 3.47
C GLN A 28 4.37 -19.20 2.48
N LYS A 29 3.36 -19.98 2.82
CA LYS A 29 2.91 -21.07 1.96
C LYS A 29 2.31 -20.47 0.68
N GLU A 30 1.60 -19.36 0.82
CA GLU A 30 1.00 -18.71 -0.33
C GLU A 30 2.05 -18.00 -1.19
N MET A 31 3.07 -17.42 -0.56
CA MET A 31 4.11 -16.75 -1.32
C MET A 31 4.82 -17.74 -2.24
N ASP A 32 4.96 -18.97 -1.75
CA ASP A 32 5.63 -20.00 -2.51
C ASP A 32 4.72 -20.44 -3.64
N ARG A 33 3.44 -20.54 -3.36
CA ARG A 33 2.49 -20.96 -4.37
C ARG A 33 2.44 -19.96 -5.53
N GLY A 34 2.33 -18.68 -5.21
CA GLY A 34 2.29 -17.69 -6.26
C GLY A 34 3.55 -17.66 -7.11
N LEU A 35 4.66 -18.17 -6.57
CA LEU A 35 5.94 -18.19 -7.30
C LEU A 35 6.16 -19.36 -8.25
N ARG A 36 5.50 -20.50 -8.00
CA ARG A 36 5.65 -21.69 -8.85
C ARG A 36 4.74 -21.60 -10.06
N LEU A 37 5.23 -22.08 -11.20
CA LEU A 37 4.44 -22.04 -12.41
C LEU A 37 3.14 -22.81 -12.26
N GLU A 38 3.17 -23.95 -11.56
CA GLU A 38 1.97 -24.77 -11.40
C GLU A 38 0.82 -24.23 -10.55
N THR A 39 1.08 -23.24 -9.71
CA THR A 39 0.00 -22.68 -8.89
C THR A 39 -0.14 -21.19 -9.02
N HIS A 40 0.85 -20.53 -9.63
CA HIS A 40 0.82 -19.07 -9.78
C HIS A 40 -0.51 -18.53 -10.31
N GLU A 41 -1.28 -19.37 -11.00
CA GLU A 41 -2.54 -18.92 -11.58
C GLU A 41 -3.69 -18.81 -10.59
N GLU A 42 -3.85 -19.80 -9.71
CA GLU A 42 -4.95 -19.73 -8.75
C GLU A 42 -4.45 -19.37 -7.34
N ALA A 43 -3.20 -18.89 -7.28
CA ALA A 43 -2.58 -18.48 -6.03
C ALA A 43 -3.18 -17.14 -5.62
N SER A 44 -3.53 -16.99 -4.35
CA SER A 44 -4.13 -15.75 -3.87
C SER A 44 -3.10 -14.64 -3.65
N VAL A 45 -1.87 -15.02 -3.36
CA VAL A 45 -0.81 -14.05 -3.19
C VAL A 45 -0.05 -14.13 -4.49
N LYS A 46 -0.44 -13.28 -5.43
CA LYS A 46 0.13 -13.27 -6.79
C LYS A 46 1.63 -13.32 -6.97
N MET A 47 2.41 -12.70 -6.10
CA MET A 47 3.86 -12.73 -6.25
C MET A 47 4.24 -12.34 -7.70
N LEU A 48 3.87 -11.12 -8.10
CA LEU A 48 4.12 -10.59 -9.44
C LEU A 48 5.50 -10.08 -9.78
N PRO A 49 6.16 -10.67 -10.77
CA PRO A 49 7.51 -10.21 -11.14
C PRO A 49 7.41 -8.73 -11.56
N THR A 50 8.30 -7.89 -11.04
CA THR A 50 8.28 -6.46 -11.33
C THR A 50 9.31 -6.01 -12.36
N TYR A 51 10.26 -6.90 -12.64
CA TYR A 51 11.34 -6.64 -13.59
C TYR A 51 12.45 -5.73 -13.08
N VAL A 52 12.29 -5.15 -11.90
CA VAL A 52 13.37 -4.33 -11.34
C VAL A 52 14.40 -5.37 -10.87
N ARG A 53 15.61 -5.33 -11.43
CA ARG A 53 16.61 -6.34 -11.09
C ARG A 53 17.72 -6.02 -10.12
N SER A 54 18.34 -7.10 -9.65
CA SER A 54 19.42 -7.04 -8.69
C SER A 54 20.52 -6.05 -9.02
N THR A 55 21.29 -6.33 -10.06
CA THR A 55 22.37 -5.45 -10.42
C THR A 55 22.18 -4.80 -11.79
N PRO A 56 21.71 -3.55 -11.80
CA PRO A 56 21.45 -2.77 -13.00
C PRO A 56 22.76 -2.28 -13.65
N GLU A 57 22.74 -2.17 -14.97
CA GLU A 57 23.89 -1.75 -15.76
C GLU A 57 24.45 -0.38 -15.37
N GLY A 58 23.62 0.65 -15.48
CA GLY A 58 24.07 1.99 -15.14
C GLY A 58 22.92 2.98 -15.25
N SER A 59 22.98 4.03 -14.44
CA SER A 59 21.93 5.03 -14.43
C SER A 59 22.07 6.01 -15.58
N GLU A 60 21.23 7.04 -15.58
CA GLU A 60 21.22 8.08 -16.59
C GLU A 60 20.83 9.38 -15.86
N VAL A 61 21.82 10.13 -15.39
CA VAL A 61 21.54 11.38 -14.65
C VAL A 61 20.62 12.33 -15.42
N GLY A 62 19.92 13.17 -14.67
CA GLY A 62 19.02 14.13 -15.29
C GLY A 62 17.64 14.24 -14.66
N ASP A 63 16.86 15.21 -15.12
CA ASP A 63 15.52 15.42 -14.60
C ASP A 63 14.53 14.42 -15.18
N PHE A 64 13.72 13.81 -14.30
CA PHE A 64 12.70 12.85 -14.74
C PHE A 64 11.33 13.28 -14.26
N LEU A 65 10.31 12.92 -15.03
CA LEU A 65 8.96 13.26 -14.66
C LEU A 65 8.40 12.00 -14.03
N SER A 66 7.70 12.15 -12.91
CA SER A 66 7.16 11.00 -12.22
C SER A 66 5.68 11.19 -11.95
N LEU A 67 4.91 10.12 -12.17
CA LEU A 67 3.48 10.16 -11.92
C LEU A 67 3.21 9.20 -10.76
N ASP A 68 2.12 9.46 -10.04
CA ASP A 68 1.72 8.61 -8.94
C ASP A 68 0.20 8.53 -8.89
N LEU A 69 -0.33 7.39 -9.33
CA LEU A 69 -1.76 7.16 -9.33
C LEU A 69 -2.02 5.96 -8.45
N GLY A 70 -2.99 6.08 -7.54
CA GLY A 70 -3.28 4.97 -6.66
C GLY A 70 -3.78 5.46 -5.31
N GLY A 71 -3.43 6.71 -4.99
CA GLY A 71 -3.87 7.30 -3.75
C GLY A 71 -5.22 7.96 -3.97
N THR A 72 -5.54 8.97 -3.16
CA THR A 72 -6.82 9.66 -3.32
C THR A 72 -6.54 10.92 -4.13
N ASN A 73 -5.26 11.18 -4.34
CA ASN A 73 -4.84 12.38 -5.05
C ASN A 73 -3.75 12.09 -6.08
N PHE A 74 -4.12 12.02 -7.36
CA PHE A 74 -3.14 11.77 -8.41
C PHE A 74 -2.07 12.83 -8.31
N ARG A 75 -0.81 12.47 -8.49
CA ARG A 75 0.27 13.44 -8.38
C ARG A 75 1.29 13.43 -9.53
N VAL A 76 1.84 14.60 -9.82
CA VAL A 76 2.86 14.75 -10.86
C VAL A 76 4.02 15.51 -10.25
N MET A 77 5.25 15.10 -10.54
CA MET A 77 6.40 15.80 -9.99
C MET A 77 7.68 15.62 -10.80
N LEU A 78 8.56 16.60 -10.69
CA LEU A 78 9.82 16.58 -11.39
C LEU A 78 10.91 16.23 -10.40
N VAL A 79 11.67 15.18 -10.68
CA VAL A 79 12.75 14.80 -9.79
C VAL A 79 14.05 14.72 -10.58
N LYS A 80 15.13 15.15 -9.95
CA LYS A 80 16.46 15.17 -10.56
C LYS A 80 17.34 14.03 -10.03
N VAL A 81 17.88 13.23 -10.95
CA VAL A 81 18.75 12.11 -10.57
C VAL A 81 20.22 12.43 -10.88
N GLY A 82 21.09 12.21 -9.90
CA GLY A 82 22.50 12.47 -10.10
C GLY A 82 23.30 11.24 -9.77
N GLU A 83 24.56 11.43 -9.37
CA GLU A 83 25.40 10.30 -9.05
C GLU A 83 26.41 10.58 -7.94
N GLY A 84 26.43 9.73 -6.93
CA GLY A 84 27.37 9.89 -5.83
C GLY A 84 28.21 8.65 -5.69
N GLU A 85 28.95 8.53 -4.60
CA GLU A 85 29.80 7.35 -4.37
C GLU A 85 28.85 6.19 -4.14
N GLU A 86 27.97 6.38 -3.17
CA GLU A 86 26.96 5.39 -2.83
C GLU A 86 26.42 4.83 -4.15
N GLY A 87 25.61 5.65 -4.80
CA GLY A 87 25.00 5.31 -6.07
C GLY A 87 24.46 6.61 -6.65
N GLN A 88 23.17 6.61 -6.99
CA GLN A 88 22.56 7.81 -7.54
C GLN A 88 21.75 8.51 -6.46
N TRP A 89 21.59 9.82 -6.59
CA TRP A 89 20.80 10.55 -5.63
C TRP A 89 19.55 10.96 -6.39
N SER A 90 18.57 11.49 -5.69
CA SER A 90 17.32 11.93 -6.34
C SER A 90 16.64 12.97 -5.46
N VAL A 91 15.78 13.78 -6.05
CA VAL A 91 15.12 14.81 -5.27
C VAL A 91 13.98 15.48 -6.01
N LYS A 92 12.82 15.55 -5.39
CA LYS A 92 11.68 16.19 -6.03
C LYS A 92 12.07 17.67 -6.10
N THR A 93 11.78 18.33 -7.21
CA THR A 93 12.11 19.74 -7.36
C THR A 93 10.85 20.53 -7.61
N LYS A 94 9.85 19.85 -8.16
CA LYS A 94 8.56 20.47 -8.43
C LYS A 94 7.48 19.39 -8.33
N HIS A 95 6.34 19.75 -7.78
CA HIS A 95 5.26 18.81 -7.60
C HIS A 95 3.90 19.48 -7.61
N GLN A 96 2.85 18.70 -7.83
CA GLN A 96 1.50 19.23 -7.86
C GLN A 96 0.49 18.10 -7.66
N MET A 97 -0.54 18.34 -6.87
CA MET A 97 -1.55 17.33 -6.61
C MET A 97 -2.86 17.68 -7.31
N TYR A 98 -3.62 16.66 -7.71
CA TYR A 98 -4.89 16.87 -8.39
C TYR A 98 -5.99 15.93 -7.89
N SER A 99 -7.04 16.50 -7.32
CA SER A 99 -8.15 15.68 -6.81
C SER A 99 -8.75 14.85 -7.94
N ILE A 100 -9.21 13.64 -7.59
CA ILE A 100 -9.80 12.74 -8.57
C ILE A 100 -11.32 12.91 -8.61
N PRO A 101 -11.83 13.46 -9.73
CA PRO A 101 -13.25 13.70 -9.95
C PRO A 101 -14.12 12.44 -9.91
N GLU A 102 -15.43 12.66 -9.74
CA GLU A 102 -16.39 11.58 -9.71
C GLU A 102 -16.58 11.04 -11.13
N ASP A 103 -16.63 11.96 -12.09
CA ASP A 103 -16.82 11.62 -13.50
C ASP A 103 -15.61 10.92 -14.13
N ALA A 104 -14.48 10.94 -13.43
CA ALA A 104 -13.27 10.30 -13.92
C ALA A 104 -13.15 8.89 -13.36
N MET A 105 -13.85 8.64 -12.24
CA MET A 105 -13.84 7.35 -11.57
C MET A 105 -14.93 6.40 -12.06
N THR A 106 -16.04 6.96 -12.56
CA THR A 106 -17.15 6.15 -13.04
C THR A 106 -17.06 5.84 -14.52
N GLY A 107 -16.54 6.78 -15.30
CA GLY A 107 -16.43 6.60 -16.73
C GLY A 107 -15.55 5.44 -17.15
N THR A 108 -14.70 5.68 -18.15
CA THR A 108 -13.80 4.66 -18.65
C THR A 108 -12.36 5.02 -18.32
N ALA A 109 -11.47 4.05 -18.45
CA ALA A 109 -10.06 4.28 -18.19
C ALA A 109 -9.66 5.37 -19.16
N GLU A 110 -10.33 5.38 -20.32
CA GLU A 110 -10.06 6.36 -21.37
C GLU A 110 -10.15 7.75 -20.73
N MET A 111 -11.34 8.06 -20.23
CA MET A 111 -11.58 9.35 -19.57
C MET A 111 -10.64 9.55 -18.39
N LEU A 112 -10.41 8.48 -17.64
CA LEU A 112 -9.52 8.54 -16.49
C LEU A 112 -8.14 9.02 -16.90
N PHE A 113 -7.55 8.37 -17.89
CA PHE A 113 -6.22 8.78 -18.34
C PHE A 113 -6.25 10.08 -19.10
N ASP A 114 -7.43 10.49 -19.53
CA ASP A 114 -7.55 11.76 -20.23
C ASP A 114 -7.40 12.82 -19.14
N TYR A 115 -8.20 12.69 -18.09
CA TYR A 115 -8.15 13.62 -16.99
C TYR A 115 -6.70 13.67 -16.53
N ILE A 116 -6.07 12.50 -16.47
CA ILE A 116 -4.67 12.41 -16.07
C ILE A 116 -3.82 13.21 -17.06
N SER A 117 -4.13 13.05 -18.35
CA SER A 117 -3.41 13.74 -19.42
C SER A 117 -3.43 15.26 -19.20
N GLU A 118 -4.61 15.77 -18.82
CA GLU A 118 -4.77 17.20 -18.56
C GLU A 118 -3.82 17.61 -17.44
N CYS A 119 -4.01 17.02 -16.26
CA CYS A 119 -3.18 17.33 -15.09
C CYS A 119 -1.70 17.33 -15.45
N ILE A 120 -1.30 16.42 -16.33
CA ILE A 120 0.08 16.33 -16.76
C ILE A 120 0.47 17.57 -17.56
N SER A 121 -0.52 18.13 -18.26
CA SER A 121 -0.28 19.33 -19.07
C SER A 121 -0.37 20.59 -18.20
N ASP A 122 -1.39 20.65 -17.33
CA ASP A 122 -1.54 21.79 -16.43
C ASP A 122 -0.25 21.96 -15.62
N PHE A 123 0.33 20.84 -15.23
CA PHE A 123 1.59 20.86 -14.48
C PHE A 123 2.67 21.46 -15.39
N LEU A 124 2.65 21.06 -16.65
CA LEU A 124 3.62 21.53 -17.63
C LEU A 124 3.52 23.04 -17.92
N ASP A 125 2.29 23.56 -17.92
CA ASP A 125 2.12 24.99 -18.16
C ASP A 125 2.78 25.73 -17.00
N LYS A 126 2.14 25.65 -15.84
CA LYS A 126 2.62 26.32 -14.63
C LYS A 126 4.13 26.32 -14.42
N HIS A 127 4.81 25.25 -14.84
CA HIS A 127 6.26 25.19 -14.65
C HIS A 127 6.98 25.28 -15.98
N GLN A 128 6.35 25.95 -16.95
CA GLN A 128 6.91 26.14 -18.29
C GLN A 128 7.91 25.04 -18.63
N MET A 129 7.41 23.97 -19.25
CA MET A 129 8.28 22.87 -19.61
C MET A 129 7.57 21.93 -20.58
N LYS A 130 6.36 22.31 -20.99
CA LYS A 130 5.58 21.52 -21.93
C LYS A 130 6.32 21.27 -23.24
N HIS A 131 7.25 22.17 -23.56
CA HIS A 131 8.03 22.06 -24.79
C HIS A 131 9.08 20.96 -24.71
N LYS A 132 9.33 20.47 -23.50
CA LYS A 132 10.33 19.41 -23.30
C LYS A 132 9.68 18.02 -23.26
N LYS A 133 10.51 17.01 -23.52
CA LYS A 133 10.07 15.61 -23.52
C LYS A 133 11.08 14.82 -22.70
N LEU A 134 10.76 14.56 -21.44
CA LEU A 134 11.66 13.83 -20.54
C LEU A 134 11.17 12.42 -20.25
N PRO A 135 12.05 11.58 -19.67
CA PRO A 135 11.61 10.21 -19.36
C PRO A 135 10.52 10.34 -18.31
N LEU A 136 9.58 9.40 -18.30
CA LEU A 136 8.49 9.48 -17.34
C LEU A 136 8.30 8.20 -16.55
N GLY A 137 8.48 8.31 -15.24
CA GLY A 137 8.29 7.17 -14.35
C GLY A 137 6.85 7.10 -13.89
N PHE A 138 6.24 5.93 -14.00
CA PHE A 138 4.85 5.79 -13.60
C PHE A 138 4.66 4.89 -12.36
N THR A 139 4.41 5.50 -11.21
CA THR A 139 4.15 4.72 -10.01
C THR A 139 2.64 4.51 -10.04
N PHE A 140 2.24 3.27 -10.33
CA PHE A 140 0.83 2.89 -10.45
C PHE A 140 0.54 1.82 -9.39
N SER A 141 -0.19 2.20 -8.34
CA SER A 141 -0.47 1.33 -7.20
C SER A 141 -1.56 0.27 -7.28
N PHE A 142 -1.45 -0.67 -8.22
CA PHE A 142 -2.44 -1.72 -8.36
C PHE A 142 -1.77 -3.00 -8.82
N PRO A 143 -2.45 -4.14 -8.67
CA PRO A 143 -1.78 -5.37 -9.12
C PRO A 143 -1.56 -5.36 -10.63
N VAL A 144 -0.32 -5.57 -11.04
CA VAL A 144 0.00 -5.56 -12.46
C VAL A 144 0.87 -6.73 -12.89
N ARG A 145 0.49 -7.37 -13.99
CA ARG A 145 1.27 -8.48 -14.54
C ARG A 145 2.21 -7.91 -15.59
N HIS A 146 3.47 -7.72 -15.21
CA HIS A 146 4.48 -7.17 -16.09
C HIS A 146 5.04 -8.15 -17.10
N GLU A 147 5.28 -7.63 -18.30
CA GLU A 147 5.88 -8.40 -19.37
C GLU A 147 7.30 -7.84 -19.35
N ASP A 148 7.41 -6.60 -18.91
CA ASP A 148 8.68 -5.93 -18.83
C ASP A 148 8.55 -4.64 -18.04
N ILE A 149 9.68 -4.09 -17.62
CA ILE A 149 9.74 -2.88 -16.83
C ILE A 149 8.85 -1.73 -17.30
N ASP A 150 8.47 -1.74 -18.57
CA ASP A 150 7.64 -0.68 -19.13
C ASP A 150 6.35 -1.19 -19.75
N LYS A 151 5.98 -2.40 -19.39
CA LYS A 151 4.77 -2.99 -19.92
C LYS A 151 4.14 -3.95 -18.92
N GLY A 152 2.82 -3.84 -18.79
CA GLY A 152 2.12 -4.72 -17.87
C GLY A 152 0.63 -4.44 -17.93
N ILE A 153 -0.18 -5.46 -17.67
CA ILE A 153 -1.62 -5.30 -17.70
C ILE A 153 -2.19 -5.21 -16.28
N LEU A 154 -3.31 -4.52 -16.16
CA LEU A 154 -3.97 -4.34 -14.87
C LEU A 154 -4.79 -5.60 -14.59
N LEU A 155 -4.44 -6.33 -13.54
CA LEU A 155 -5.17 -7.54 -13.22
C LEU A 155 -6.57 -7.22 -12.73
N ASN A 156 -6.68 -6.18 -11.90
CA ASN A 156 -7.97 -5.76 -11.39
C ASN A 156 -7.81 -4.65 -10.35
N TRP A 157 -8.68 -3.65 -10.44
CA TRP A 157 -8.62 -2.54 -9.50
C TRP A 157 -8.79 -3.01 -8.05
N THR A 158 -8.31 -2.19 -7.12
CA THR A 158 -8.43 -2.44 -5.68
C THR A 158 -8.63 -1.09 -5.00
N LYS A 159 -8.92 -1.11 -3.72
CA LYS A 159 -9.08 0.13 -2.96
C LYS A 159 -10.25 1.02 -3.36
N GLY A 160 -11.11 0.54 -4.26
CA GLY A 160 -12.26 1.34 -4.66
C GLY A 160 -12.20 2.13 -5.96
N PHE A 161 -11.48 1.63 -6.95
CA PHE A 161 -11.39 2.29 -8.24
C PHE A 161 -12.32 1.50 -9.17
N LYS A 162 -13.03 2.20 -10.06
CA LYS A 162 -13.97 1.50 -10.93
C LYS A 162 -13.70 1.55 -12.43
N ALA A 163 -13.14 2.66 -12.91
CA ALA A 163 -12.83 2.84 -14.33
C ALA A 163 -13.05 1.58 -15.18
N SER A 164 -14.06 1.62 -16.04
CA SER A 164 -14.40 0.49 -16.90
C SER A 164 -13.35 0.22 -17.97
N GLY A 165 -13.38 -1.01 -18.49
CA GLY A 165 -12.45 -1.41 -19.53
C GLY A 165 -10.99 -1.10 -19.27
N ALA A 166 -10.56 -1.18 -18.02
CA ALA A 166 -9.17 -0.92 -17.66
C ALA A 166 -8.45 -2.24 -17.44
N GLU A 167 -9.12 -3.16 -16.75
CA GLU A 167 -8.55 -4.47 -16.45
C GLU A 167 -8.21 -5.23 -17.73
N GLY A 168 -7.14 -6.01 -17.67
CA GLY A 168 -6.72 -6.81 -18.81
C GLY A 168 -5.89 -6.06 -19.82
N ASN A 169 -5.91 -4.74 -19.78
CA ASN A 169 -5.16 -3.94 -20.76
C ASN A 169 -3.85 -3.38 -20.24
N ASN A 170 -3.01 -2.91 -21.16
CA ASN A 170 -1.73 -2.35 -20.78
C ASN A 170 -1.93 -0.97 -20.17
N VAL A 171 -1.35 -0.77 -19.00
CA VAL A 171 -1.46 0.50 -18.30
C VAL A 171 -0.63 1.54 -19.03
N VAL A 172 0.62 1.20 -19.30
CA VAL A 172 1.50 2.11 -19.99
C VAL A 172 0.87 2.52 -21.32
N GLY A 173 0.47 1.55 -22.12
CA GLY A 173 -0.17 1.88 -23.38
C GLY A 173 -1.24 2.93 -23.20
N LEU A 174 -2.25 2.60 -22.41
CA LEU A 174 -3.35 3.53 -22.13
C LEU A 174 -2.86 4.91 -21.72
N LEU A 175 -1.72 4.95 -21.03
CA LEU A 175 -1.17 6.23 -20.61
C LEU A 175 -0.76 6.99 -21.87
N ARG A 176 -0.17 6.26 -22.82
CA ARG A 176 0.25 6.86 -24.07
C ARG A 176 -0.97 7.15 -24.95
N ASP A 177 -1.90 6.19 -25.02
CA ASP A 177 -3.10 6.38 -25.82
C ASP A 177 -3.82 7.67 -25.44
N ALA A 178 -3.37 8.30 -24.35
CA ALA A 178 -3.98 9.53 -23.87
C ALA A 178 -3.06 10.72 -24.11
N ILE A 179 -1.76 10.48 -24.09
CA ILE A 179 -0.80 11.55 -24.32
C ILE A 179 -0.91 11.98 -25.78
N LYS A 180 -1.32 11.04 -26.64
CA LYS A 180 -1.48 11.32 -28.06
C LYS A 180 -2.76 12.12 -28.32
N ARG A 181 -3.85 11.77 -27.63
CA ARG A 181 -5.10 12.50 -27.78
C ARG A 181 -4.92 13.91 -27.23
N ARG A 182 -3.67 14.35 -27.19
CA ARG A 182 -3.30 15.67 -26.70
C ARG A 182 -2.39 16.36 -27.70
N GLY A 183 -1.33 15.68 -28.10
CA GLY A 183 -0.37 16.25 -29.02
C GLY A 183 0.40 17.31 -28.26
N ASP A 184 -0.32 17.96 -27.36
CA ASP A 184 0.18 19.02 -26.50
C ASP A 184 1.64 18.81 -26.08
N PHE A 185 1.96 17.59 -25.66
CA PHE A 185 3.31 17.26 -25.23
C PHE A 185 3.69 15.83 -25.60
N GLU A 186 4.95 15.49 -25.36
CA GLU A 186 5.44 14.16 -25.64
C GLU A 186 6.25 13.66 -24.45
N MET A 187 5.98 12.41 -24.04
CA MET A 187 6.66 11.80 -22.91
C MET A 187 7.06 10.35 -23.23
N ASP A 188 8.32 10.01 -22.97
CA ASP A 188 8.81 8.67 -23.22
C ASP A 188 8.60 7.83 -21.95
N VAL A 189 7.40 7.27 -21.81
CA VAL A 189 7.02 6.46 -20.65
C VAL A 189 7.91 5.23 -20.54
N VAL A 190 9.02 5.39 -19.83
CA VAL A 190 10.00 4.35 -19.65
C VAL A 190 9.69 3.23 -18.66
N ALA A 191 9.30 3.57 -17.44
CA ALA A 191 9.03 2.54 -16.44
C ALA A 191 7.72 2.68 -15.67
N MET A 192 7.16 1.54 -15.27
CA MET A 192 5.93 1.50 -14.50
C MET A 192 6.20 0.66 -13.25
N VAL A 193 6.03 1.26 -12.07
CA VAL A 193 6.29 0.53 -10.83
C VAL A 193 5.21 0.64 -9.77
N ASN A 194 5.17 -0.37 -8.89
CA ASN A 194 4.23 -0.40 -7.79
C ASN A 194 4.80 0.52 -6.72
N ASP A 195 3.94 1.07 -5.87
CA ASP A 195 4.42 1.96 -4.82
C ASP A 195 5.32 1.24 -3.80
N THR A 196 5.09 -0.05 -3.61
CA THR A 196 5.91 -0.77 -2.66
C THR A 196 7.32 -0.73 -3.19
N VAL A 197 7.47 -1.12 -4.45
CA VAL A 197 8.79 -1.14 -5.10
C VAL A 197 9.45 0.24 -5.13
N ALA A 198 8.73 1.27 -5.57
CA ALA A 198 9.32 2.60 -5.61
C ALA A 198 9.87 3.00 -4.23
N THR A 199 9.11 2.70 -3.17
CA THR A 199 9.54 3.04 -1.81
C THR A 199 10.84 2.33 -1.48
N MET A 200 10.89 1.04 -1.77
CA MET A 200 12.10 0.27 -1.50
C MET A 200 13.30 0.90 -2.22
N ILE A 201 13.16 1.07 -3.53
CA ILE A 201 14.21 1.65 -4.34
C ILE A 201 14.68 3.01 -3.80
N SER A 202 13.75 3.87 -3.42
CA SER A 202 14.10 5.18 -2.90
C SER A 202 14.96 5.13 -1.63
N CYS A 203 14.94 4.00 -0.91
CA CYS A 203 15.70 3.88 0.32
C CYS A 203 17.03 3.17 0.11
N TYR A 204 17.14 2.44 -0.99
CA TYR A 204 18.35 1.69 -1.30
C TYR A 204 19.61 2.54 -1.28
N TYR A 205 19.57 3.66 -1.97
CA TYR A 205 20.71 4.55 -2.04
C TYR A 205 21.13 5.10 -0.68
N GLU A 206 20.21 5.02 0.27
CA GLU A 206 20.46 5.46 1.63
C GLU A 206 21.00 4.26 2.40
N ASP A 207 20.37 3.12 2.21
CA ASP A 207 20.74 1.87 2.88
C ASP A 207 20.74 0.71 1.88
N HIS A 208 21.92 0.32 1.39
CA HIS A 208 22.04 -0.78 0.44
C HIS A 208 21.44 -2.10 0.93
N GLN A 209 21.19 -2.17 2.24
CA GLN A 209 20.62 -3.37 2.83
C GLN A 209 19.10 -3.39 2.67
N CYS A 210 18.53 -2.32 2.14
CA CYS A 210 17.08 -2.25 1.95
C CYS A 210 16.62 -3.12 0.79
N GLU A 211 16.02 -4.27 1.10
CA GLU A 211 15.53 -5.19 0.09
C GLU A 211 14.04 -5.51 0.20
N VAL A 212 13.30 -4.67 0.92
CA VAL A 212 11.87 -4.90 1.10
C VAL A 212 11.23 -3.55 1.11
N GLY A 213 10.06 -3.46 0.45
CA GLY A 213 9.32 -2.22 0.42
C GLY A 213 7.93 -2.54 0.95
N MET A 214 7.44 -1.70 1.85
CA MET A 214 6.13 -1.94 2.44
C MET A 214 5.27 -0.70 2.50
N ILE A 215 4.01 -0.85 2.12
CA ILE A 215 3.08 0.25 2.14
C ILE A 215 1.93 -0.04 3.11
N VAL A 216 1.73 0.84 4.08
CA VAL A 216 0.62 0.68 5.00
C VAL A 216 -0.10 2.02 4.98
N GLY A 217 -1.03 2.16 4.03
CA GLY A 217 -1.78 3.40 3.88
C GLY A 217 -3.24 3.06 3.62
N THR A 218 -3.80 3.58 2.55
CA THR A 218 -5.20 3.27 2.27
C THR A 218 -5.26 1.78 1.99
N GLY A 219 -4.16 1.27 1.47
CA GLY A 219 -4.06 -0.15 1.17
C GLY A 219 -2.84 -0.67 1.88
N CYS A 220 -2.59 -1.97 1.79
CA CYS A 220 -1.43 -2.54 2.44
C CYS A 220 -0.81 -3.61 1.55
N ASN A 221 0.48 -3.46 1.26
CA ASN A 221 1.15 -4.41 0.39
C ASN A 221 2.66 -4.39 0.61
N ALA A 222 3.37 -5.37 0.07
CA ALA A 222 4.81 -5.40 0.23
C ALA A 222 5.53 -5.98 -0.98
N CYS A 223 6.82 -5.68 -1.09
CA CYS A 223 7.61 -6.21 -2.20
C CYS A 223 8.99 -6.52 -1.64
N TYR A 224 9.66 -7.49 -2.22
CA TYR A 224 10.99 -7.87 -1.74
C TYR A 224 11.84 -8.38 -2.87
N MET A 225 13.14 -8.56 -2.61
CA MET A 225 14.04 -9.08 -3.63
C MET A 225 14.10 -10.60 -3.51
N GLU A 226 13.70 -11.29 -4.58
CA GLU A 226 13.69 -12.74 -4.63
C GLU A 226 14.83 -13.29 -5.48
N GLU A 227 15.21 -14.54 -5.25
CA GLU A 227 16.27 -15.15 -6.03
C GLU A 227 15.63 -15.50 -7.37
N MET A 228 16.25 -15.05 -8.47
CA MET A 228 15.71 -15.29 -9.80
C MET A 228 15.27 -16.73 -10.07
N GLN A 229 15.98 -17.72 -9.52
CA GLN A 229 15.58 -19.09 -9.77
C GLN A 229 14.29 -19.48 -9.09
N ASN A 230 13.82 -18.67 -8.16
CA ASN A 230 12.56 -18.98 -7.49
C ASN A 230 11.42 -18.31 -8.25
N VAL A 231 11.76 -17.32 -9.07
CA VAL A 231 10.77 -16.62 -9.88
C VAL A 231 10.64 -17.43 -11.16
N GLU A 232 9.95 -18.55 -11.07
CA GLU A 232 9.76 -19.41 -12.22
C GLU A 232 9.09 -18.67 -13.35
N LEU A 233 8.17 -17.76 -13.03
CA LEU A 233 7.46 -17.02 -14.06
C LEU A 233 8.38 -16.14 -14.91
N VAL A 234 9.67 -16.17 -14.63
CA VAL A 234 10.60 -15.37 -15.41
C VAL A 234 11.96 -16.04 -15.63
N GLU A 235 12.24 -16.35 -16.90
CA GLU A 235 13.49 -16.98 -17.33
C GLU A 235 14.74 -16.39 -16.72
N GLY A 236 15.54 -17.24 -16.10
CA GLY A 236 16.77 -16.77 -15.48
C GLY A 236 16.92 -17.27 -14.06
N ASP A 237 18.15 -17.49 -13.65
CA ASP A 237 18.45 -17.98 -12.32
C ASP A 237 19.56 -17.18 -11.65
N GLU A 238 20.15 -16.26 -12.39
CA GLU A 238 21.22 -15.45 -11.84
C GLU A 238 20.67 -14.13 -11.33
N GLY A 239 21.16 -13.71 -10.17
CA GLY A 239 20.70 -12.46 -9.59
C GLY A 239 19.35 -12.54 -8.88
N ARG A 240 18.80 -11.36 -8.60
CA ARG A 240 17.53 -11.26 -7.91
C ARG A 240 16.60 -10.31 -8.63
N MET A 241 15.30 -10.51 -8.47
CA MET A 241 14.31 -9.64 -9.07
C MET A 241 13.36 -9.21 -7.96
N CYS A 242 12.91 -7.97 -7.98
CA CYS A 242 11.96 -7.54 -6.97
C CYS A 242 10.65 -8.20 -7.35
N VAL A 243 9.88 -8.62 -6.34
CA VAL A 243 8.60 -9.29 -6.57
C VAL A 243 7.53 -8.56 -5.78
N ASN A 244 6.45 -8.21 -6.47
CA ASN A 244 5.34 -7.52 -5.85
C ASN A 244 4.42 -8.61 -5.33
N THR A 245 4.38 -8.76 -4.00
CA THR A 245 3.58 -9.82 -3.39
C THR A 245 2.09 -9.62 -3.53
N GLU A 246 1.65 -8.37 -3.50
CA GLU A 246 0.24 -8.10 -3.57
C GLU A 246 -0.42 -8.93 -2.46
N TRP A 247 0.19 -8.93 -1.27
CA TRP A 247 -0.31 -9.73 -0.15
C TRP A 247 -1.67 -9.30 0.40
N GLY A 248 -2.20 -8.19 -0.09
CA GLY A 248 -3.49 -7.73 0.38
C GLY A 248 -4.56 -8.72 -0.03
N ALA A 249 -4.27 -9.50 -1.06
CA ALA A 249 -5.22 -10.50 -1.54
C ALA A 249 -5.11 -11.78 -0.73
N PHE A 250 -4.21 -11.78 0.24
CA PHE A 250 -4.03 -12.94 1.12
C PHE A 250 -5.37 -13.24 1.80
N GLY A 251 -5.72 -14.52 1.89
CA GLY A 251 -6.98 -14.87 2.50
C GLY A 251 -8.13 -14.93 1.51
N ASP A 252 -7.90 -14.52 0.27
CA ASP A 252 -8.97 -14.56 -0.73
C ASP A 252 -9.32 -16.00 -1.09
N SER A 253 -8.54 -16.96 -0.61
CA SER A 253 -8.81 -18.38 -0.86
C SER A 253 -9.28 -19.07 0.42
N GLY A 254 -9.63 -18.27 1.43
CA GLY A 254 -10.09 -18.80 2.69
C GLY A 254 -9.01 -19.05 3.75
N GLU A 255 -7.85 -18.42 3.59
CA GLU A 255 -6.77 -18.63 4.56
C GLU A 255 -6.93 -17.87 5.85
N LEU A 256 -7.88 -16.96 5.91
CA LEU A 256 -8.10 -16.14 7.10
C LEU A 256 -9.50 -16.31 7.71
N ASP A 257 -10.27 -17.25 7.17
CA ASP A 257 -11.64 -17.46 7.63
C ASP A 257 -11.82 -17.76 9.11
N GLU A 258 -10.82 -18.36 9.74
CA GLU A 258 -10.95 -18.68 11.15
C GLU A 258 -10.73 -17.44 12.02
N PHE A 259 -10.29 -16.34 11.40
CA PHE A 259 -10.01 -15.10 12.13
C PHE A 259 -11.00 -13.97 11.79
N LEU A 260 -11.71 -14.09 10.69
CA LEU A 260 -12.65 -13.04 10.29
C LEU A 260 -13.80 -12.87 11.28
N LEU A 261 -14.09 -11.62 11.60
CA LEU A 261 -15.17 -11.27 12.52
C LEU A 261 -16.38 -10.81 11.71
N GLU A 262 -17.52 -10.75 12.38
CA GLU A 262 -18.75 -10.32 11.73
C GLU A 262 -18.53 -8.99 11.02
N TYR A 263 -17.71 -8.13 11.63
CA TYR A 263 -17.43 -6.81 11.06
C TYR A 263 -16.64 -6.91 9.76
N ASP A 264 -15.71 -7.85 9.70
CA ASP A 264 -14.90 -8.03 8.52
C ASP A 264 -15.80 -8.48 7.38
N ARG A 265 -16.78 -9.31 7.71
CA ARG A 265 -17.72 -9.80 6.72
C ARG A 265 -18.57 -8.65 6.18
N LEU A 266 -19.09 -7.81 7.08
CA LEU A 266 -19.91 -6.67 6.66
C LEU A 266 -19.13 -5.71 5.78
N VAL A 267 -17.92 -5.35 6.20
CA VAL A 267 -17.06 -4.45 5.44
C VAL A 267 -16.80 -5.01 4.04
N ASP A 268 -16.61 -6.32 3.95
CA ASP A 268 -16.34 -6.99 2.68
C ASP A 268 -17.60 -7.00 1.83
N GLU A 269 -18.71 -7.44 2.42
CA GLU A 269 -19.99 -7.51 1.71
C GLU A 269 -20.41 -6.17 1.09
N SER A 270 -20.00 -5.07 1.69
CA SER A 270 -20.37 -3.74 1.20
C SER A 270 -19.29 -3.02 0.42
N SER A 271 -18.18 -3.70 0.14
CA SER A 271 -17.08 -3.04 -0.56
C SER A 271 -17.18 -3.10 -2.09
N ALA A 272 -16.37 -2.26 -2.74
CA ALA A 272 -16.34 -2.21 -4.20
C ALA A 272 -15.90 -3.56 -4.77
N ASN A 273 -15.13 -4.34 -4.00
CA ASN A 273 -14.65 -5.63 -4.47
C ASN A 273 -14.91 -6.78 -3.49
N PRO A 274 -16.19 -7.16 -3.31
CA PRO A 274 -16.57 -8.23 -2.39
C PRO A 274 -15.76 -9.50 -2.65
N GLY A 275 -15.25 -10.10 -1.57
CA GLY A 275 -14.48 -11.32 -1.71
C GLY A 275 -13.03 -11.15 -2.08
N GLN A 276 -12.54 -9.92 -2.19
CA GLN A 276 -11.14 -9.68 -2.54
C GLN A 276 -10.40 -8.78 -1.56
N GLN A 277 -9.07 -8.84 -1.58
CA GLN A 277 -8.22 -8.04 -0.71
C GLN A 277 -8.59 -8.15 0.77
N LEU A 278 -8.94 -9.35 1.22
CA LEU A 278 -9.35 -9.55 2.60
C LEU A 278 -8.31 -9.21 3.67
N TYR A 279 -7.08 -9.65 3.46
CA TYR A 279 -6.01 -9.37 4.40
C TYR A 279 -5.90 -7.86 4.52
N GLU A 280 -6.01 -7.19 3.39
CA GLU A 280 -5.91 -5.74 3.34
C GLU A 280 -7.04 -5.04 4.08
N LYS A 281 -8.22 -5.64 4.05
CA LYS A 281 -9.39 -5.07 4.71
C LYS A 281 -9.32 -5.17 6.23
N LEU A 282 -8.24 -5.75 6.74
CA LEU A 282 -8.02 -5.86 8.17
C LEU A 282 -7.00 -4.81 8.61
N ILE A 283 -6.26 -4.27 7.64
CA ILE A 283 -5.21 -3.30 7.94
C ILE A 283 -5.35 -1.93 7.30
N GLY A 284 -5.56 -1.91 5.99
CA GLY A 284 -5.67 -0.67 5.24
C GLY A 284 -6.59 0.39 5.79
N GLY A 285 -6.16 1.64 5.67
CA GLY A 285 -6.93 2.78 6.16
C GLY A 285 -8.21 3.01 5.38
N LYS A 286 -8.33 2.34 4.25
CA LYS A 286 -9.54 2.46 3.45
C LYS A 286 -10.66 1.77 4.21
N TYR A 287 -10.28 0.93 5.17
CA TYR A 287 -11.27 0.18 5.92
C TYR A 287 -11.24 0.30 7.44
N MET A 288 -10.08 0.65 8.00
CA MET A 288 -9.94 0.77 9.45
C MET A 288 -11.07 1.56 10.13
N GLY A 289 -11.34 2.76 9.63
CA GLY A 289 -12.40 3.57 10.19
C GLY A 289 -13.72 2.85 10.14
N GLU A 290 -14.05 2.29 8.98
CA GLU A 290 -15.29 1.57 8.81
C GLU A 290 -15.39 0.40 9.77
N LEU A 291 -14.25 -0.22 10.08
CA LEU A 291 -14.25 -1.32 11.02
C LEU A 291 -14.65 -0.76 12.38
N VAL A 292 -14.17 0.43 12.68
CA VAL A 292 -14.51 1.04 13.95
C VAL A 292 -15.99 1.41 14.01
N ARG A 293 -16.51 1.93 12.91
CA ARG A 293 -17.92 2.33 12.87
C ARG A 293 -18.82 1.15 13.14
N LEU A 294 -18.46 0.00 12.59
CA LEU A 294 -19.24 -1.19 12.79
C LEU A 294 -19.14 -1.72 14.22
N VAL A 295 -17.97 -1.54 14.83
CA VAL A 295 -17.78 -2.00 16.20
C VAL A 295 -18.63 -1.14 17.12
N LEU A 296 -18.55 0.17 16.90
CA LEU A 296 -19.31 1.10 17.69
C LEU A 296 -20.80 0.78 17.55
N LEU A 297 -21.30 0.74 16.31
CA LEU A 297 -22.71 0.44 16.08
C LEU A 297 -23.18 -0.79 16.82
N ARG A 298 -22.37 -1.84 16.88
CA ARG A 298 -22.80 -3.01 17.61
C ARG A 298 -22.97 -2.66 19.07
N LEU A 299 -22.06 -1.84 19.57
CA LEU A 299 -22.09 -1.43 20.96
C LEU A 299 -23.38 -0.68 21.32
N VAL A 300 -23.86 0.15 20.40
CA VAL A 300 -25.08 0.90 20.65
C VAL A 300 -26.32 0.01 20.60
N ASP A 301 -26.28 -1.02 19.74
CA ASP A 301 -27.42 -1.92 19.60
C ASP A 301 -27.50 -2.91 20.76
N GLU A 302 -26.47 -2.89 21.60
CA GLU A 302 -26.45 -3.75 22.78
C GLU A 302 -26.55 -2.81 23.98
N ASN A 303 -27.02 -1.60 23.70
CA ASN A 303 -27.24 -0.57 24.71
C ASN A 303 -26.05 -0.39 25.66
N LEU A 304 -24.85 -0.28 25.10
CA LEU A 304 -23.63 -0.13 25.89
C LEU A 304 -22.85 1.14 25.52
N LEU A 305 -23.40 1.94 24.62
CA LEU A 305 -22.72 3.14 24.15
C LEU A 305 -23.76 4.14 23.61
N PHE A 306 -23.61 5.42 23.94
CA PHE A 306 -24.56 6.44 23.47
C PHE A 306 -26.00 6.10 23.86
N HIS A 307 -26.19 5.54 25.05
CA HIS A 307 -27.52 5.19 25.55
C HIS A 307 -28.29 4.28 24.59
N GLY A 308 -27.69 3.95 23.46
CA GLY A 308 -28.37 3.09 22.49
C GLY A 308 -28.89 3.88 21.31
N GLU A 309 -28.47 5.13 21.20
CA GLU A 309 -28.90 5.99 20.10
C GLU A 309 -27.72 6.41 19.24
N ALA A 310 -27.70 5.93 17.99
CA ALA A 310 -26.62 6.24 17.07
C ALA A 310 -26.97 7.37 16.12
N SER A 311 -26.08 8.35 16.02
CA SER A 311 -26.26 9.50 15.14
C SER A 311 -26.69 9.14 13.70
N GLU A 312 -27.09 10.16 12.95
CA GLU A 312 -27.51 9.96 11.58
C GLU A 312 -26.26 9.66 10.76
N GLN A 313 -25.17 10.26 11.19
CA GLN A 313 -23.88 10.10 10.53
C GLN A 313 -23.17 8.81 10.97
N LEU A 314 -23.34 8.44 12.23
CA LEU A 314 -22.72 7.24 12.74
C LEU A 314 -23.28 6.02 12.04
N ARG A 315 -24.43 6.20 11.39
CA ARG A 315 -25.09 5.10 10.70
C ARG A 315 -24.84 5.05 9.19
N THR A 316 -24.15 6.06 8.67
CA THR A 316 -23.84 6.10 7.24
C THR A 316 -22.47 5.42 7.07
N ARG A 317 -22.23 4.81 5.93
CA ARG A 317 -20.94 4.15 5.70
C ARG A 317 -19.82 5.17 5.46
N GLY A 318 -18.63 4.83 5.93
CA GLY A 318 -17.47 5.69 5.75
C GLY A 318 -17.50 6.98 6.56
N ALA A 319 -18.52 7.15 7.40
CA ALA A 319 -18.63 8.35 8.21
C ALA A 319 -17.48 8.44 9.21
N PHE A 320 -17.06 7.30 9.73
CA PHE A 320 -15.97 7.27 10.67
C PHE A 320 -14.66 7.06 9.90
N GLU A 321 -13.98 8.17 9.63
CA GLU A 321 -12.74 8.16 8.89
C GLU A 321 -11.56 7.60 9.70
N THR A 322 -10.66 6.92 9.00
CA THR A 322 -9.50 6.35 9.64
C THR A 322 -8.70 7.42 10.39
N ARG A 323 -8.77 8.67 9.95
CA ARG A 323 -8.03 9.70 10.65
C ARG A 323 -8.61 9.97 12.04
N PHE A 324 -9.87 9.58 12.27
CA PHE A 324 -10.48 9.78 13.59
C PHE A 324 -9.91 8.74 14.53
N VAL A 325 -9.71 7.53 14.02
CA VAL A 325 -9.14 6.47 14.81
C VAL A 325 -7.81 6.98 15.35
N SER A 326 -6.99 7.57 14.48
CA SER A 326 -5.69 8.12 14.87
C SER A 326 -5.86 9.22 15.91
N GLN A 327 -6.66 10.23 15.57
CA GLN A 327 -6.88 11.31 16.50
C GLN A 327 -7.33 10.73 17.82
N VAL A 328 -8.42 9.95 17.80
CA VAL A 328 -8.92 9.35 19.02
C VAL A 328 -7.81 8.69 19.87
N GLU A 329 -6.90 7.97 19.22
CA GLU A 329 -5.84 7.32 19.96
C GLU A 329 -4.72 8.28 20.35
N SER A 330 -4.90 9.57 20.11
CA SER A 330 -3.89 10.57 20.47
C SER A 330 -4.37 11.42 21.64
N ASP A 331 -5.65 11.26 21.98
CA ASP A 331 -6.25 11.97 23.09
C ASP A 331 -5.28 11.80 24.25
N THR A 332 -4.98 12.89 24.95
CA THR A 332 -4.02 12.83 26.06
C THR A 332 -4.62 12.33 27.37
N GLY A 333 -5.94 12.09 27.34
CA GLY A 333 -6.63 11.63 28.53
C GLY A 333 -7.73 12.59 28.96
N ASP A 334 -7.70 13.81 28.44
CA ASP A 334 -8.70 14.81 28.79
C ASP A 334 -9.95 14.66 27.93
N ARG A 335 -9.94 13.68 27.03
CA ARG A 335 -11.07 13.39 26.15
C ARG A 335 -11.55 14.49 25.19
N LYS A 336 -10.91 15.65 25.20
CA LYS A 336 -11.33 16.75 24.32
C LYS A 336 -11.25 16.39 22.84
N GLN A 337 -10.25 15.62 22.47
CA GLN A 337 -10.07 15.20 21.10
C GLN A 337 -11.20 14.24 20.71
N ILE A 338 -11.37 13.22 21.56
CA ILE A 338 -12.40 12.22 21.34
C ILE A 338 -13.78 12.83 21.32
N TYR A 339 -14.03 13.80 22.20
CA TYR A 339 -15.33 14.46 22.25
C TYR A 339 -15.63 15.25 20.96
N ASN A 340 -14.67 16.04 20.49
CA ASN A 340 -14.88 16.83 19.26
C ASN A 340 -15.17 15.91 18.07
N ILE A 341 -14.38 14.85 17.91
CA ILE A 341 -14.58 13.90 16.83
C ILE A 341 -16.04 13.44 16.81
N LEU A 342 -16.49 12.93 17.95
CA LEU A 342 -17.85 12.43 18.08
C LEU A 342 -18.88 13.54 17.94
N SER A 343 -18.55 14.73 18.44
CA SER A 343 -19.46 15.86 18.35
C SER A 343 -19.77 16.17 16.88
N THR A 344 -18.73 16.23 16.07
CA THR A 344 -18.88 16.51 14.64
C THR A 344 -19.75 15.43 14.00
N LEU A 345 -19.71 14.25 14.59
CA LEU A 345 -20.49 13.12 14.09
C LEU A 345 -21.92 13.14 14.62
N GLY A 346 -22.25 14.18 15.39
CA GLY A 346 -23.59 14.32 15.92
C GLY A 346 -23.89 13.53 17.17
N LEU A 347 -22.89 13.33 18.02
CA LEU A 347 -23.07 12.58 19.25
C LEU A 347 -22.73 13.47 20.43
N ARG A 348 -23.18 13.07 21.61
CA ARG A 348 -22.91 13.80 22.85
C ARG A 348 -22.46 12.73 23.82
N PRO A 349 -21.25 12.19 23.63
CA PRO A 349 -20.68 11.14 24.46
C PRO A 349 -20.42 11.55 25.89
N SER A 350 -20.44 10.57 26.77
CA SER A 350 -20.18 10.81 28.17
C SER A 350 -18.71 10.49 28.35
N THR A 351 -18.21 10.60 29.57
CA THR A 351 -16.82 10.30 29.84
C THR A 351 -16.55 8.86 29.42
N THR A 352 -17.38 7.94 29.87
CA THR A 352 -17.21 6.54 29.54
C THR A 352 -17.47 6.25 28.06
N ASP A 353 -18.33 7.02 27.42
CA ASP A 353 -18.59 6.81 26.00
C ASP A 353 -17.30 7.04 25.24
N CYS A 354 -16.55 8.06 25.67
CA CYS A 354 -15.29 8.41 25.04
C CYS A 354 -14.23 7.34 25.29
N ASP A 355 -14.25 6.75 26.48
CA ASP A 355 -13.27 5.73 26.80
C ASP A 355 -13.58 4.44 26.06
N ILE A 356 -14.84 4.24 25.73
CA ILE A 356 -15.21 3.02 25.01
C ILE A 356 -14.76 3.17 23.56
N VAL A 357 -15.13 4.28 22.93
CA VAL A 357 -14.74 4.56 21.54
C VAL A 357 -13.22 4.41 21.40
N ARG A 358 -12.52 4.92 22.41
CA ARG A 358 -11.07 4.86 22.48
C ARG A 358 -10.63 3.41 22.46
N ARG A 359 -11.26 2.59 23.30
CA ARG A 359 -10.92 1.19 23.40
C ARG A 359 -11.21 0.41 22.11
N ALA A 360 -12.26 0.81 21.42
CA ALA A 360 -12.65 0.19 20.17
C ALA A 360 -11.57 0.44 19.11
N CYS A 361 -11.08 1.67 19.05
CA CYS A 361 -10.05 2.00 18.08
C CYS A 361 -8.78 1.20 18.38
N GLU A 362 -8.33 1.19 19.63
CA GLU A 362 -7.12 0.46 20.01
C GLU A 362 -7.22 -1.02 19.64
N SER A 363 -8.43 -1.56 19.70
CA SER A 363 -8.63 -2.96 19.39
C SER A 363 -8.48 -3.24 17.91
N VAL A 364 -9.04 -2.36 17.08
CA VAL A 364 -8.95 -2.53 15.64
C VAL A 364 -7.57 -2.22 15.06
N SER A 365 -6.97 -1.12 15.49
CA SER A 365 -5.68 -0.76 14.96
C SER A 365 -4.63 -1.69 15.51
N THR A 366 -4.89 -2.26 16.67
CA THR A 366 -3.91 -3.18 17.22
C THR A 366 -3.99 -4.50 16.47
N ARG A 367 -5.20 -4.87 16.08
CA ARG A 367 -5.30 -6.11 15.36
C ARG A 367 -4.54 -5.92 14.06
N ALA A 368 -4.79 -4.80 13.38
CA ALA A 368 -4.14 -4.49 12.12
C ALA A 368 -2.63 -4.50 12.23
N ALA A 369 -2.12 -3.85 13.27
CA ALA A 369 -0.67 -3.81 13.48
C ALA A 369 -0.09 -5.20 13.64
N HIS A 370 -0.80 -6.08 14.33
CA HIS A 370 -0.34 -7.45 14.55
C HIS A 370 -0.49 -8.31 13.32
N MET A 371 -1.64 -8.20 12.67
CA MET A 371 -1.87 -9.00 11.47
C MET A 371 -0.80 -8.63 10.42
N CYS A 372 -0.58 -7.33 10.23
CA CYS A 372 0.41 -6.88 9.28
C CYS A 372 1.80 -7.41 9.68
N SER A 373 2.12 -7.40 10.98
CA SER A 373 3.42 -7.88 11.43
C SER A 373 3.65 -9.32 11.02
N ALA A 374 2.57 -10.09 10.90
CA ALA A 374 2.71 -11.50 10.51
C ALA A 374 3.17 -11.63 9.06
N GLY A 375 2.66 -10.74 8.21
CA GLY A 375 3.03 -10.76 6.81
C GLY A 375 4.48 -10.38 6.61
N LEU A 376 4.89 -9.29 7.22
CA LEU A 376 6.26 -8.83 7.10
C LEU A 376 7.20 -9.93 7.61
N ALA A 377 6.84 -10.56 8.74
CA ALA A 377 7.70 -11.61 9.28
C ALA A 377 7.72 -12.76 8.28
N GLY A 378 6.56 -13.04 7.69
CA GLY A 378 6.50 -14.09 6.70
C GLY A 378 7.48 -13.82 5.55
N VAL A 379 7.51 -12.58 5.07
CA VAL A 379 8.39 -12.19 3.98
C VAL A 379 9.84 -12.30 4.43
N ILE A 380 10.17 -11.67 5.54
CA ILE A 380 11.53 -11.70 6.05
C ILE A 380 12.06 -13.08 6.41
N ASN A 381 11.24 -13.94 6.98
CA ASN A 381 11.74 -15.26 7.32
C ASN A 381 12.00 -16.04 6.05
N ARG A 382 11.18 -15.81 5.04
CA ARG A 382 11.37 -16.52 3.78
C ARG A 382 12.71 -16.09 3.18
N MET A 383 12.98 -14.79 3.20
CA MET A 383 14.22 -14.29 2.66
C MET A 383 15.40 -14.87 3.43
N ARG A 384 15.20 -15.00 4.75
CA ARG A 384 16.22 -15.54 5.66
C ARG A 384 16.66 -16.91 5.19
N GLU A 385 15.70 -17.68 4.67
CA GLU A 385 15.97 -19.02 4.18
C GLU A 385 16.72 -19.03 2.86
N SER A 386 17.69 -18.12 2.75
CA SER A 386 18.54 -17.97 1.57
C SER A 386 19.58 -16.95 2.00
N ARG A 387 20.47 -17.36 2.91
CA ARG A 387 21.49 -16.47 3.44
C ARG A 387 22.35 -17.18 4.49
N SER A 388 23.62 -17.39 4.16
CA SER A 388 24.54 -18.06 5.07
C SER A 388 25.10 -17.09 6.11
N GLU A 389 24.23 -16.59 6.99
CA GLU A 389 24.69 -15.66 8.02
C GLU A 389 24.03 -16.00 9.35
N ASP A 390 24.67 -15.60 10.45
CA ASP A 390 24.12 -15.85 11.78
C ASP A 390 22.91 -14.94 11.93
N VAL A 391 23.19 -13.63 11.94
CA VAL A 391 22.15 -12.62 12.05
C VAL A 391 21.96 -11.95 10.70
N MET A 392 20.81 -12.17 10.07
CA MET A 392 20.55 -11.54 8.79
C MET A 392 20.05 -10.11 9.00
N ARG A 393 20.85 -9.16 8.57
CA ARG A 393 20.49 -7.76 8.70
C ARG A 393 19.71 -7.40 7.45
N ILE A 394 18.57 -6.75 7.62
CA ILE A 394 17.78 -6.37 6.47
C ILE A 394 17.04 -5.09 6.78
N THR A 395 16.87 -4.25 5.76
CA THR A 395 16.19 -2.99 5.94
C THR A 395 14.87 -2.98 5.18
N VAL A 396 13.83 -2.40 5.78
CA VAL A 396 12.53 -2.33 5.15
C VAL A 396 12.16 -0.89 4.92
N GLY A 397 11.89 -0.54 3.66
CA GLY A 397 11.51 0.82 3.34
C GLY A 397 10.02 0.83 3.54
N VAL A 398 9.51 1.84 4.24
CA VAL A 398 8.10 1.89 4.56
C VAL A 398 7.43 3.21 4.26
N ASP A 399 6.14 3.17 3.98
CA ASP A 399 5.40 4.38 3.74
C ASP A 399 3.91 4.14 3.94
N GLY A 400 3.13 5.21 4.13
CA GLY A 400 1.70 5.07 4.34
C GLY A 400 1.18 5.83 5.55
N SER A 401 0.02 6.46 5.41
CA SER A 401 -0.53 7.23 6.50
C SER A 401 -0.69 6.43 7.80
N VAL A 402 -1.38 5.29 7.72
CA VAL A 402 -1.58 4.48 8.92
C VAL A 402 -0.23 4.26 9.63
N TYR A 403 0.73 3.67 8.96
CA TYR A 403 2.05 3.42 9.54
C TYR A 403 2.79 4.65 10.05
N LYS A 404 2.57 5.79 9.41
CA LYS A 404 3.27 6.99 9.80
C LYS A 404 2.55 7.86 10.84
N LEU A 405 1.29 8.15 10.56
CA LEU A 405 0.51 9.01 11.42
C LEU A 405 -0.26 8.37 12.59
N HIS A 406 -0.45 7.06 12.58
CA HIS A 406 -1.17 6.48 13.71
C HIS A 406 -0.19 6.48 14.86
N PRO A 407 -0.60 7.05 16.00
CA PRO A 407 0.19 7.16 17.23
C PRO A 407 0.84 5.90 17.78
N SER A 408 0.27 4.73 17.52
CA SER A 408 0.88 3.52 18.10
C SER A 408 1.16 2.37 17.17
N PHE A 409 0.49 2.37 16.02
CA PHE A 409 0.66 1.31 15.05
C PHE A 409 2.11 0.94 14.86
N LYS A 410 2.94 1.95 14.64
CA LYS A 410 4.36 1.75 14.41
C LYS A 410 5.08 0.90 15.47
N GLU A 411 4.89 1.21 16.74
CA GLU A 411 5.53 0.47 17.81
C GLU A 411 4.98 -0.94 17.98
N ARG A 412 3.66 -1.06 18.01
CA ARG A 412 3.01 -2.36 18.14
C ARG A 412 3.55 -3.24 17.04
N PHE A 413 3.52 -2.70 15.82
CA PHE A 413 4.00 -3.39 14.63
C PHE A 413 5.45 -3.82 14.71
N HIS A 414 6.33 -2.92 15.11
CA HIS A 414 7.75 -3.25 15.22
C HIS A 414 7.98 -4.36 16.25
N ALA A 415 7.44 -4.17 17.44
CA ALA A 415 7.59 -5.18 18.47
C ALA A 415 7.09 -6.53 17.97
N SER A 416 5.90 -6.56 17.41
CA SER A 416 5.37 -7.81 16.96
C SER A 416 6.18 -8.46 15.85
N VAL A 417 6.79 -7.66 14.98
CA VAL A 417 7.59 -8.20 13.88
C VAL A 417 8.86 -8.78 14.45
N ARG A 418 9.48 -8.06 15.37
CA ARG A 418 10.71 -8.56 15.96
C ARG A 418 10.50 -9.88 16.72
N ARG A 419 9.38 -10.02 17.44
CA ARG A 419 9.13 -11.27 18.16
C ARG A 419 9.08 -12.42 17.15
N LEU A 420 8.43 -12.17 16.03
CA LEU A 420 8.30 -13.19 15.00
C LEU A 420 9.57 -13.44 14.19
N THR A 421 10.52 -12.50 14.22
CA THR A 421 11.74 -12.70 13.44
C THR A 421 13.03 -12.85 14.24
N PRO A 422 13.32 -14.08 14.70
CA PRO A 422 14.55 -14.31 15.48
C PRO A 422 15.74 -14.21 14.52
N SER A 423 16.95 -14.25 15.06
CA SER A 423 18.17 -14.13 14.26
C SER A 423 18.08 -13.08 13.14
N CYS A 424 17.16 -12.13 13.28
CA CYS A 424 17.00 -11.08 12.28
C CYS A 424 17.12 -9.68 12.85
N GLU A 425 17.94 -8.89 12.21
CA GLU A 425 18.16 -7.51 12.63
C GLU A 425 17.45 -6.64 11.59
N ILE A 426 16.18 -6.35 11.86
CA ILE A 426 15.40 -5.54 10.95
C ILE A 426 15.57 -4.06 11.24
N THR A 427 15.74 -3.29 10.18
CA THR A 427 15.90 -1.85 10.27
C THR A 427 14.81 -1.22 9.41
N PHE A 428 14.07 -0.27 9.97
CA PHE A 428 12.99 0.37 9.23
C PHE A 428 13.31 1.80 8.86
N ILE A 429 13.13 2.14 7.59
CA ILE A 429 13.37 3.49 7.13
C ILE A 429 12.08 4.02 6.50
N GLU A 430 11.72 5.26 6.78
CA GLU A 430 10.52 5.80 6.15
C GLU A 430 10.96 6.54 4.90
N SER A 431 10.20 6.36 3.81
CA SER A 431 10.56 6.99 2.54
C SER A 431 10.13 8.45 2.40
N GLU A 432 11.10 9.32 2.11
CA GLU A 432 10.80 10.73 1.90
C GLU A 432 10.54 10.78 0.39
N GLU A 433 9.29 11.04 0.01
CA GLU A 433 8.94 11.07 -1.39
C GLU A 433 9.46 9.80 -2.08
N GLY A 434 8.98 8.66 -1.61
CA GLY A 434 9.40 7.39 -2.16
C GLY A 434 8.89 7.07 -3.55
N SER A 435 7.67 7.46 -3.86
CA SER A 435 7.10 7.20 -5.18
C SER A 435 7.84 7.95 -6.28
N GLY A 436 7.75 9.28 -6.23
CA GLY A 436 8.42 10.11 -7.20
C GLY A 436 9.87 9.72 -7.38
N ARG A 437 10.64 9.84 -6.31
CA ARG A 437 12.04 9.49 -6.35
C ARG A 437 12.27 8.03 -6.75
N GLY A 438 11.33 7.16 -6.39
CA GLY A 438 11.45 5.75 -6.71
C GLY A 438 11.30 5.47 -8.18
N ALA A 439 10.26 6.06 -8.78
CA ALA A 439 10.00 5.89 -10.21
C ALA A 439 11.16 6.47 -11.04
N ALA A 440 11.57 7.69 -10.70
CA ALA A 440 12.67 8.32 -11.42
C ALA A 440 13.95 7.48 -11.37
N LEU A 441 14.26 6.94 -10.19
CA LEU A 441 15.47 6.13 -10.03
C LEU A 441 15.43 4.86 -10.86
N VAL A 442 14.24 4.32 -11.05
CA VAL A 442 14.07 3.10 -11.84
C VAL A 442 14.07 3.47 -13.31
N SER A 443 13.34 4.53 -13.64
CA SER A 443 13.26 5.01 -15.01
C SER A 443 14.65 5.38 -15.50
N ALA A 444 15.48 5.90 -14.60
CA ALA A 444 16.84 6.32 -14.93
C ALA A 444 17.72 5.15 -15.31
N VAL A 445 17.29 3.94 -14.98
CA VAL A 445 18.05 2.75 -15.31
C VAL A 445 17.49 2.11 -16.56
N ALA A 446 16.18 2.23 -16.74
CA ALA A 446 15.54 1.66 -17.90
C ALA A 446 15.79 2.61 -19.06
N CYS A 447 16.17 3.84 -18.73
CA CYS A 447 16.41 4.87 -19.74
C CYS A 447 17.77 4.68 -20.41
N LYS A 448 18.73 4.09 -19.70
CA LYS A 448 20.03 3.86 -20.30
C LYS A 448 19.88 2.64 -21.18
N LYS A 449 18.65 2.39 -21.62
CA LYS A 449 18.31 1.27 -22.50
C LYS A 449 17.35 1.73 -23.59
N ALA A 450 16.49 2.68 -23.26
CA ALA A 450 15.51 3.21 -24.22
C ALA A 450 15.81 4.67 -24.60
N CYS A 451 17.05 5.08 -24.35
CA CYS A 451 17.47 6.44 -24.67
C CYS A 451 18.98 6.57 -24.37
#